data_1NLW
#
_entry.id   1NLW
#
_cell.length_a   47.346
_cell.length_b   56.020
_cell.length_c   65.602
_cell.angle_alpha   88.82
_cell.angle_beta   79.08
_cell.angle_gamma   67.11
#
_symmetry.space_group_name_H-M   'P 1'
#
loop_
_entity.id
_entity.type
_entity.pdbx_description
1 polymer "5'-D(*GP*AP*GP*TP*AP*GP*CP*AP*CP*GP*TP*GP*CP*TP*AP*CP*TP*C)-3'"
2 polymer 'MAD PROTEIN'
3 polymer 'MAX PROTEIN'
4 water water
#
loop_
_entity_poly.entity_id
_entity_poly.type
_entity_poly.pdbx_seq_one_letter_code
_entity_poly.pdbx_strand_id
1 'polydeoxyribonucleotide' (DG)(DA)(DG)(DT)(DA)(DG)(DC)(DA)(DC)(DG)(DT)(DG)(DC)(DT)(DA)(DC)(DT)(DC) F,G,H,J
2 'polypeptide(L)' SRSTHNEMEKNRRAHLRLSLEKLKGLVPLGPDSSRHTTLSLLTKAKLHIKKLEDSDRKAVHQIDQLQREQRHLKRQLEKL A,D
3 'polypeptide(L)' KRAHHNALERKRRDHIKDSFHSLRDSVPSLQGEKASRAQILDKATEYIQYMRRKNHTHQQDIDDLKRQNALLEQQV B,E
#
# COMPACT_ATOMS: atom_id res chain seq x y z
N SER E 1 -25.45 -13.24 30.14
CA SER E 1 -25.06 -14.67 30.13
C SER E 1 -24.23 -14.99 28.90
N ARG E 2 -24.60 -16.06 28.21
CA ARG E 2 -23.90 -16.47 26.99
C ARG E 2 -23.79 -15.31 26.00
N SER E 3 -24.80 -14.46 25.98
CA SER E 3 -24.81 -13.31 25.07
C SER E 3 -23.69 -12.35 25.40
N THR E 4 -23.02 -12.58 26.52
CA THR E 4 -21.90 -11.73 26.93
C THR E 4 -20.63 -12.28 26.32
N HIS E 5 -20.46 -13.59 26.43
CA HIS E 5 -19.29 -14.25 25.87
C HIS E 5 -19.37 -14.20 24.35
N ASN E 6 -20.55 -14.51 23.82
CA ASN E 6 -20.77 -14.51 22.38
C ASN E 6 -20.56 -13.14 21.76
N GLU E 7 -20.88 -12.10 22.52
CA GLU E 7 -20.74 -10.73 22.02
C GLU E 7 -19.29 -10.28 22.11
N MET E 8 -18.59 -10.72 23.14
CA MET E 8 -17.18 -10.35 23.29
C MET E 8 -16.36 -11.00 22.17
N GLU E 9 -16.66 -12.26 21.88
CA GLU E 9 -15.95 -13.00 20.84
C GLU E 9 -16.14 -12.31 19.48
N LYS E 10 -17.39 -12.00 19.16
CA LYS E 10 -17.71 -11.36 17.89
C LYS E 10 -16.95 -10.05 17.74
N ASN E 11 -16.77 -9.35 18.85
CA ASN E 11 -16.04 -8.09 18.84
C ASN E 11 -14.56 -8.36 18.70
N ARG E 12 -14.10 -9.47 19.28
CA ARG E 12 -12.70 -9.83 19.19
C ARG E 12 -12.39 -10.13 17.73
N ARG E 13 -13.26 -10.90 17.08
CA ARG E 13 -13.06 -11.25 15.68
C ARG E 13 -13.07 -10.04 14.75
N ALA E 14 -13.93 -9.05 15.06
CA ALA E 14 -14.00 -7.85 14.23
C ALA E 14 -12.68 -7.07 14.25
N HIS E 15 -12.15 -6.85 15.45
CA HIS E 15 -10.87 -6.15 15.60
C HIS E 15 -9.74 -6.90 14.89
N LEU E 16 -9.80 -8.23 14.93
CA LEU E 16 -8.78 -9.04 14.27
C LEU E 16 -8.94 -8.87 12.77
N ARG E 17 -10.19 -8.72 12.33
CA ARG E 17 -10.49 -8.52 10.93
C ARG E 17 -9.91 -7.19 10.46
N LEU E 18 -9.99 -6.17 11.32
CA LEU E 18 -9.46 -4.85 10.98
C LEU E 18 -7.93 -4.93 10.82
N SER E 19 -7.27 -5.71 11.66
CA SER E 19 -5.82 -5.85 11.55
C SER E 19 -5.45 -6.57 10.26
N LEU E 20 -6.26 -7.56 9.88
CA LEU E 20 -6.02 -8.31 8.64
C LEU E 20 -6.18 -7.44 7.38
N GLU E 21 -7.27 -6.68 7.32
CA GLU E 21 -7.51 -5.81 6.17
C GLU E 21 -6.37 -4.80 5.99
N LYS E 22 -5.89 -4.23 7.11
CA LYS E 22 -4.80 -3.28 7.05
C LYS E 22 -3.56 -3.92 6.40
N LEU E 23 -3.15 -5.09 6.91
CA LEU E 23 -2.00 -5.81 6.36
C LEU E 23 -2.26 -6.10 4.87
N LYS E 24 -3.51 -6.37 4.55
CA LYS E 24 -3.90 -6.64 3.18
C LYS E 24 -3.66 -5.40 2.33
N GLY E 25 -3.84 -4.23 2.94
CA GLY E 25 -3.62 -2.99 2.24
C GLY E 25 -2.19 -2.89 1.77
N LEU E 26 -1.26 -3.15 2.67
CA LEU E 26 0.16 -3.13 2.33
C LEU E 26 0.37 -4.45 1.60
N VAL E 27 1.57 -4.69 1.10
CA VAL E 27 1.83 -5.95 0.40
C VAL E 27 1.11 -5.96 -0.94
N PRO E 28 1.86 -6.14 -2.04
CA PRO E 28 1.24 -6.16 -3.36
C PRO E 28 0.07 -7.12 -3.42
N LEU E 29 0.11 -8.15 -2.58
CA LEU E 29 -0.97 -9.13 -2.55
C LEU E 29 -1.19 -9.76 -3.90
N GLY E 30 -2.00 -9.11 -4.73
CA GLY E 30 -2.28 -9.60 -6.06
C GLY E 30 -2.75 -8.46 -6.95
N PRO E 31 -2.76 -8.70 -8.26
CA PRO E 31 -3.18 -7.70 -9.22
C PRO E 31 -4.66 -7.91 -9.54
N ASP E 32 -5.42 -6.82 -9.58
CA ASP E 32 -6.86 -6.87 -9.86
C ASP E 32 -7.59 -7.45 -8.65
N SER E 33 -8.83 -7.91 -8.88
CA SER E 33 -9.65 -8.48 -7.81
C SER E 33 -8.82 -9.44 -6.95
N SER E 34 -8.55 -9.03 -5.72
CA SER E 34 -7.75 -9.84 -4.79
C SER E 34 -8.50 -10.96 -4.07
N ARG E 35 -7.75 -11.82 -3.41
CA ARG E 35 -8.30 -12.94 -2.65
C ARG E 35 -7.87 -12.85 -1.19
N HIS E 36 -8.74 -13.31 -0.29
CA HIS E 36 -8.51 -13.26 1.14
C HIS E 36 -7.85 -14.55 1.63
N THR E 37 -8.65 -15.59 1.79
CA THR E 37 -8.16 -16.89 2.21
C THR E 37 -7.60 -16.85 3.63
N THR E 38 -7.17 -15.64 4.02
CA THR E 38 -6.51 -15.39 5.28
C THR E 38 -5.17 -16.09 5.03
N LEU E 39 -5.25 -17.33 4.54
CA LEU E 39 -4.06 -18.11 4.25
C LEU E 39 -3.15 -17.46 3.21
N SER E 40 -3.73 -16.96 2.11
CA SER E 40 -2.90 -16.34 1.06
C SER E 40 -2.28 -15.06 1.56
N LEU E 41 -2.98 -14.35 2.44
CA LEU E 41 -2.46 -13.08 2.97
C LEU E 41 -1.27 -13.35 3.89
N LEU E 42 -1.43 -14.28 4.83
CA LEU E 42 -0.36 -14.61 5.77
C LEU E 42 0.87 -15.11 5.04
N THR E 43 0.65 -15.81 3.94
CA THR E 43 1.73 -16.34 3.13
C THR E 43 2.46 -15.21 2.40
N LYS E 44 1.70 -14.37 1.71
CA LYS E 44 2.26 -13.27 0.97
C LYS E 44 3.00 -12.29 1.85
N ALA E 45 2.45 -12.00 3.03
CA ALA E 45 3.09 -11.06 3.94
C ALA E 45 4.46 -11.61 4.36
N LYS E 46 4.52 -12.88 4.76
CA LYS E 46 5.79 -13.46 5.15
C LYS E 46 6.82 -13.33 4.04
N LEU E 47 6.45 -13.74 2.83
CA LEU E 47 7.37 -13.68 1.70
C LEU E 47 7.81 -12.26 1.36
N HIS E 48 6.89 -11.29 1.49
CA HIS E 48 7.21 -9.89 1.22
C HIS E 48 8.24 -9.40 2.27
N ILE E 49 8.03 -9.74 3.55
CA ILE E 49 8.95 -9.32 4.60
C ILE E 49 10.32 -9.89 4.23
N LYS E 50 10.35 -11.16 3.83
CA LYS E 50 11.59 -11.83 3.43
C LYS E 50 12.30 -11.06 2.32
N LYS E 51 11.55 -10.57 1.34
CA LYS E 51 12.09 -9.81 0.24
C LYS E 51 12.67 -8.48 0.73
N LEU E 52 11.95 -7.81 1.64
CA LEU E 52 12.41 -6.54 2.20
C LEU E 52 13.75 -6.72 2.92
N GLU E 53 13.90 -7.81 3.67
CA GLU E 53 15.15 -8.07 4.40
C GLU E 53 16.29 -8.39 3.43
N ASP E 54 16.01 -9.17 2.40
CA ASP E 54 17.06 -9.49 1.43
C ASP E 54 17.54 -8.22 0.70
N SER E 55 16.62 -7.32 0.39
CA SER E 55 16.99 -6.07 -0.26
C SER E 55 17.79 -5.17 0.68
N ASP E 56 17.44 -5.19 1.97
CA ASP E 56 18.16 -4.42 2.99
C ASP E 56 19.61 -4.91 2.99
N ARG E 57 19.80 -6.21 3.18
CA ARG E 57 21.14 -6.80 3.21
C ARG E 57 21.97 -6.43 1.99
N LYS E 58 21.36 -6.45 0.82
CA LYS E 58 22.08 -6.11 -0.40
C LYS E 58 22.35 -4.62 -0.53
N ALA E 59 21.48 -3.80 0.05
CA ALA E 59 21.66 -2.35 -0.01
C ALA E 59 22.83 -1.97 0.92
N VAL E 60 22.81 -2.47 2.15
CA VAL E 60 23.88 -2.17 3.10
C VAL E 60 25.23 -2.58 2.51
N HIS E 61 25.25 -3.71 1.80
CA HIS E 61 26.47 -4.21 1.19
C HIS E 61 26.99 -3.35 0.04
N GLN E 62 26.10 -2.90 -0.82
CA GLN E 62 26.50 -2.06 -1.96
C GLN E 62 26.97 -0.70 -1.46
N ILE E 63 26.32 -0.20 -0.41
CA ILE E 63 26.71 1.09 0.18
C ILE E 63 28.17 0.97 0.64
N ASP E 64 28.47 -0.12 1.33
CA ASP E 64 29.82 -0.37 1.83
C ASP E 64 30.81 -0.46 0.67
N GLN E 65 30.43 -1.14 -0.40
CA GLN E 65 31.31 -1.26 -1.56
C GLN E 65 31.51 0.09 -2.24
N LEU E 66 30.44 0.86 -2.35
CA LEU E 66 30.52 2.17 -2.98
C LEU E 66 31.41 3.11 -2.16
N GLN E 67 31.34 2.96 -0.84
CA GLN E 67 32.16 3.77 0.06
C GLN E 67 33.65 3.41 -0.06
N ARG E 68 33.95 2.10 -0.22
CA ARG E 68 35.34 1.69 -0.38
C ARG E 68 35.81 2.21 -1.74
N GLU E 69 34.93 2.11 -2.73
CA GLU E 69 35.22 2.59 -4.07
C GLU E 69 35.48 4.11 -4.02
N GLN E 70 34.69 4.82 -3.23
CA GLN E 70 34.89 6.26 -3.15
C GLN E 70 36.25 6.64 -2.54
N ARG E 71 36.60 6.06 -1.40
CA ARG E 71 37.88 6.38 -0.76
C ARG E 71 39.06 6.09 -1.68
N HIS E 72 38.94 5.03 -2.49
CA HIS E 72 40.00 4.69 -3.43
C HIS E 72 40.16 5.79 -4.49
N LEU E 73 39.04 6.27 -5.03
CA LEU E 73 39.09 7.33 -6.04
C LEU E 73 39.69 8.60 -5.45
N LYS E 74 39.33 8.90 -4.20
CA LYS E 74 39.86 10.09 -3.54
C LYS E 74 41.38 9.99 -3.38
N ARG E 75 41.87 8.88 -2.83
CA ARG E 75 43.30 8.70 -2.63
C ARG E 75 44.05 8.73 -3.94
N GLN E 76 43.42 8.16 -4.97
CA GLN E 76 44.02 8.11 -6.29
C GLN E 76 44.11 9.53 -6.83
N LEU E 77 42.99 10.25 -6.74
CA LEU E 77 42.93 11.63 -7.21
C LEU E 77 44.04 12.49 -6.61
N GLU E 78 44.62 12.02 -5.51
CA GLU E 78 45.71 12.75 -4.87
C GLU E 78 46.93 12.69 -5.78
N LYS E 79 47.28 11.48 -6.21
CA LYS E 79 48.43 11.30 -7.09
C LYS E 79 48.10 11.74 -8.51
N LYS F 1 -21.06 -37.75 7.55
CA LYS F 1 -20.29 -36.72 6.79
C LYS F 1 -19.63 -35.67 7.69
N ARG F 2 -20.34 -35.25 8.74
CA ARG F 2 -19.83 -34.25 9.65
C ARG F 2 -18.48 -34.63 10.26
N ALA F 3 -18.29 -35.90 10.56
CA ALA F 3 -17.01 -36.34 11.13
C ALA F 3 -15.86 -35.96 10.20
N HIS F 4 -16.06 -36.18 8.90
CA HIS F 4 -15.06 -35.86 7.87
C HIS F 4 -14.94 -34.34 7.63
N HIS F 5 -16.07 -33.64 7.54
CA HIS F 5 -16.06 -32.19 7.36
C HIS F 5 -15.27 -31.60 8.51
N ASN F 6 -15.53 -32.09 9.71
CA ASN F 6 -14.85 -31.63 10.92
C ASN F 6 -13.34 -31.84 10.87
N ALA F 7 -12.92 -32.98 10.33
CA ALA F 7 -11.51 -33.31 10.21
C ALA F 7 -10.79 -32.41 9.21
N LEU F 8 -11.43 -32.09 8.10
CA LEU F 8 -10.83 -31.22 7.08
C LEU F 8 -10.74 -29.75 7.54
N GLU F 9 -11.75 -29.30 8.26
CA GLU F 9 -11.74 -27.91 8.75
C GLU F 9 -10.63 -27.84 9.80
N ARG F 10 -10.49 -28.88 10.61
CA ARG F 10 -9.42 -28.90 11.61
C ARG F 10 -8.07 -28.81 10.91
N LYS F 11 -7.92 -29.50 9.79
CA LYS F 11 -6.66 -29.46 9.03
C LYS F 11 -6.45 -28.05 8.49
N ARG F 12 -7.54 -27.47 8.02
CA ARG F 12 -7.49 -26.13 7.45
C ARG F 12 -7.04 -25.14 8.52
N ARG F 13 -7.59 -25.27 9.73
CA ARG F 13 -7.23 -24.37 10.83
C ARG F 13 -5.78 -24.54 11.24
N ASP F 14 -5.30 -25.78 11.21
CA ASP F 14 -3.91 -26.07 11.56
C ASP F 14 -2.92 -25.40 10.60
N HIS F 15 -3.24 -25.39 9.31
CA HIS F 15 -2.37 -24.75 8.32
C HIS F 15 -2.32 -23.24 8.56
N ILE F 16 -3.45 -22.65 8.92
CA ILE F 16 -3.52 -21.22 9.19
C ILE F 16 -2.71 -20.89 10.44
N LYS F 17 -2.81 -21.74 11.45
CA LYS F 17 -2.07 -21.57 12.69
C LYS F 17 -0.56 -21.64 12.37
N ASP F 18 -0.16 -22.60 11.53
CA ASP F 18 1.27 -22.71 11.17
C ASP F 18 1.73 -21.42 10.48
N SER F 19 0.86 -20.89 9.62
CA SER F 19 1.16 -19.66 8.88
C SER F 19 1.27 -18.44 9.80
N PHE F 20 0.54 -18.45 10.91
CA PHE F 20 0.68 -17.33 11.86
C PHE F 20 2.04 -17.51 12.54
N HIS F 21 2.37 -18.75 12.92
CA HIS F 21 3.67 -19.00 13.55
C HIS F 21 4.81 -18.57 12.67
N SER F 22 4.71 -18.84 11.37
CA SER F 22 5.79 -18.47 10.45
C SER F 22 5.93 -16.96 10.24
N LEU F 23 4.80 -16.25 10.23
CA LEU F 23 4.84 -14.78 10.07
C LEU F 23 5.43 -14.14 11.33
N ARG F 24 5.05 -14.70 12.48
CA ARG F 24 5.53 -14.21 13.78
C ARG F 24 7.05 -14.31 13.85
N ASP F 25 7.57 -15.41 13.32
CA ASP F 25 9.01 -15.63 13.37
C ASP F 25 9.81 -14.89 12.32
N SER F 26 9.10 -14.21 11.41
CA SER F 26 9.78 -13.42 10.40
C SER F 26 9.85 -11.98 10.92
N VAL F 27 9.29 -11.74 12.09
CA VAL F 27 9.33 -10.39 12.64
C VAL F 27 10.23 -10.28 13.85
N PRO F 28 11.33 -9.51 13.72
CA PRO F 28 12.36 -9.23 14.72
C PRO F 28 11.88 -8.38 15.90
N SER F 29 10.88 -8.87 16.62
CA SER F 29 10.34 -8.18 17.78
C SER F 29 9.39 -9.18 18.40
N LEU F 30 9.04 -10.19 17.62
CA LEU F 30 8.13 -11.24 18.09
C LEU F 30 8.72 -12.65 18.00
N GLN F 31 9.79 -12.82 17.25
CA GLN F 31 10.40 -14.14 17.10
C GLN F 31 10.75 -14.76 18.45
N GLY F 32 10.29 -15.99 18.66
CA GLY F 32 10.54 -16.68 19.92
C GLY F 32 9.72 -16.15 21.09
N GLU F 33 8.60 -15.51 20.77
CA GLU F 33 7.72 -14.94 21.78
C GLU F 33 6.31 -15.53 21.66
N LYS F 34 5.57 -15.51 22.77
CA LYS F 34 4.20 -16.00 22.79
C LYS F 34 3.29 -14.84 22.39
N ALA F 35 3.18 -14.57 21.10
CA ALA F 35 2.35 -13.46 20.65
C ALA F 35 0.98 -13.93 20.18
N SER F 36 -0.05 -13.12 20.46
CA SER F 36 -1.41 -13.45 20.04
C SER F 36 -1.51 -13.14 18.56
N ARG F 37 -2.58 -13.61 17.91
CA ARG F 37 -2.74 -13.36 16.48
C ARG F 37 -2.88 -11.85 16.22
N ALA F 38 -3.48 -11.12 17.14
CA ALA F 38 -3.62 -9.68 16.97
C ALA F 38 -2.23 -9.03 16.95
N GLN F 39 -1.38 -9.39 17.91
CA GLN F 39 -0.04 -8.83 17.99
C GLN F 39 0.81 -9.14 16.75
N ILE F 40 0.65 -10.36 16.21
CA ILE F 40 1.41 -10.75 15.03
C ILE F 40 1.04 -9.87 13.82
N LEU F 41 -0.26 -9.68 13.59
CA LEU F 41 -0.68 -8.85 12.47
C LEU F 41 -0.20 -7.42 12.60
N ASP F 42 -0.39 -6.83 13.78
CA ASP F 42 0.01 -5.44 14.04
C ASP F 42 1.53 -5.21 13.95
N LYS F 43 2.34 -6.06 14.57
CA LYS F 43 3.79 -5.90 14.49
C LYS F 43 4.35 -6.17 13.10
N ALA F 44 3.77 -7.14 12.39
CA ALA F 44 4.24 -7.42 11.03
C ALA F 44 3.96 -6.19 10.17
N THR F 45 2.78 -5.62 10.34
CA THR F 45 2.40 -4.41 9.60
C THR F 45 3.44 -3.34 9.89
N GLU F 46 3.76 -3.14 11.17
CA GLU F 46 4.74 -2.14 11.57
C GLU F 46 6.10 -2.40 10.93
N TYR F 47 6.60 -3.63 11.08
CA TYR F 47 7.88 -4.02 10.52
C TYR F 47 7.95 -3.78 9.01
N ILE F 48 6.90 -4.11 8.28
CA ILE F 48 6.86 -3.91 6.82
C ILE F 48 6.96 -2.42 6.48
N GLN F 49 6.25 -1.59 7.24
CA GLN F 49 6.28 -0.15 6.97
C GLN F 49 7.69 0.36 7.28
N TYR F 50 8.24 -0.13 8.38
CA TYR F 50 9.60 0.23 8.79
C TYR F 50 10.62 -0.15 7.73
N MET F 51 10.59 -1.42 7.31
CA MET F 51 11.53 -1.92 6.31
C MET F 51 11.44 -1.24 4.96
N ARG F 52 10.24 -0.84 4.55
CA ARG F 52 10.09 -0.15 3.28
C ARG F 52 10.75 1.22 3.38
N ARG F 53 10.57 1.89 4.52
CA ARG F 53 11.18 3.20 4.75
C ARG F 53 12.71 3.09 4.75
N LYS F 54 13.23 2.09 5.45
CA LYS F 54 14.68 1.87 5.52
C LYS F 54 15.29 1.59 4.14
N ASN F 55 14.66 0.71 3.38
CA ASN F 55 15.14 0.35 2.05
C ASN F 55 15.10 1.54 1.07
N HIS F 56 14.15 2.45 1.26
CA HIS F 56 14.07 3.62 0.40
C HIS F 56 15.22 4.58 0.74
N THR F 57 15.42 4.82 2.03
CA THR F 57 16.47 5.69 2.50
C THR F 57 17.83 5.21 2.00
N HIS F 58 18.07 3.89 2.07
CA HIS F 58 19.32 3.33 1.58
C HIS F 58 19.44 3.44 0.07
N GLN F 59 18.31 3.35 -0.62
CA GLN F 59 18.34 3.46 -2.08
C GLN F 59 18.87 4.84 -2.43
N GLN F 60 18.41 5.86 -1.72
CA GLN F 60 18.85 7.23 -1.94
C GLN F 60 20.35 7.30 -1.71
N ASP F 61 20.81 6.82 -0.56
CA ASP F 61 22.24 6.83 -0.25
C ASP F 61 23.02 6.19 -1.40
N ILE F 62 22.48 5.11 -1.96
CA ILE F 62 23.14 4.41 -3.05
C ILE F 62 23.25 5.23 -4.33
N ASP F 63 22.28 6.12 -4.55
CA ASP F 63 22.31 6.95 -5.74
C ASP F 63 23.25 8.12 -5.49
N ASP F 64 23.25 8.62 -4.26
CA ASP F 64 24.12 9.73 -3.87
C ASP F 64 25.59 9.34 -4.04
N LEU F 65 25.94 8.13 -3.65
CA LEU F 65 27.32 7.65 -3.76
C LEU F 65 27.69 7.34 -5.21
N LYS F 66 26.71 6.87 -5.98
CA LYS F 66 26.97 6.56 -7.38
C LYS F 66 27.27 7.85 -8.15
N ARG F 67 26.52 8.90 -7.87
CA ARG F 67 26.73 10.15 -8.56
C ARG F 67 28.09 10.71 -8.14
N GLN F 68 28.38 10.63 -6.85
CA GLN F 68 29.64 11.13 -6.32
C GLN F 68 30.84 10.39 -6.90
N ASN F 69 30.70 9.08 -7.12
CA ASN F 69 31.79 8.27 -7.65
C ASN F 69 32.02 8.45 -9.16
N ALA F 70 30.95 8.37 -9.94
CA ALA F 70 31.07 8.52 -11.39
C ALA F 70 31.66 9.88 -11.74
N LEU F 71 31.49 10.85 -10.85
CA LEU F 71 32.02 12.20 -11.06
C LEU F 71 33.48 12.30 -10.64
N LEU F 72 33.96 11.29 -9.91
CA LEU F 72 35.36 11.26 -9.48
C LEU F 72 36.17 10.55 -10.55
N GLU F 73 35.55 9.56 -11.20
CA GLU F 73 36.22 8.81 -12.26
C GLU F 73 36.58 9.79 -13.36
N GLN F 74 35.77 10.84 -13.50
CA GLN F 74 36.01 11.87 -14.50
C GLN F 74 37.26 12.65 -14.12
N GLN F 75 37.27 13.18 -12.91
CA GLN F 75 38.41 13.94 -12.41
C GLN F 75 39.67 13.08 -12.49
N VAL F 76 39.48 11.76 -12.47
CA VAL F 76 40.59 10.82 -12.54
C VAL F 76 40.80 10.35 -13.99
N SER G 1 15.97 25.79 -34.07
CA SER G 1 15.68 24.46 -33.45
C SER G 1 15.52 24.62 -31.93
N ARG G 2 16.40 25.42 -31.32
CA ARG G 2 16.36 25.67 -29.89
C ARG G 2 15.02 26.23 -29.43
N SER G 3 14.50 27.22 -30.15
CA SER G 3 13.24 27.84 -29.77
C SER G 3 12.04 26.96 -30.02
N THR G 4 12.17 26.01 -30.93
CA THR G 4 11.06 25.10 -31.22
C THR G 4 10.99 24.12 -30.04
N HIS G 5 12.15 23.68 -29.58
CA HIS G 5 12.22 22.75 -28.47
C HIS G 5 11.63 23.42 -27.23
N ASN G 6 12.01 24.66 -26.99
CA ASN G 6 11.53 25.44 -25.85
C ASN G 6 10.01 25.43 -25.82
N GLU G 7 9.40 25.86 -26.92
CA GLU G 7 7.94 25.92 -27.02
C GLU G 7 7.26 24.59 -26.72
N MET G 8 7.80 23.51 -27.27
CA MET G 8 7.24 22.19 -27.04
C MET G 8 7.30 21.80 -25.56
N GLU G 9 8.42 22.10 -24.90
CA GLU G 9 8.59 21.76 -23.50
C GLU G 9 7.66 22.62 -22.63
N LYS G 10 7.53 23.90 -22.97
CA LYS G 10 6.65 24.80 -22.21
C LYS G 10 5.21 24.30 -22.28
N ASN G 11 4.78 23.88 -23.47
CA ASN G 11 3.41 23.38 -23.62
C ASN G 11 3.27 22.06 -22.88
N ARG G 12 4.33 21.25 -22.90
CA ARG G 12 4.33 19.97 -22.21
C ARG G 12 4.20 20.23 -20.71
N ARG G 13 4.97 21.19 -20.20
CA ARG G 13 4.89 21.53 -18.78
C ARG G 13 3.52 22.11 -18.43
N ALA G 14 2.99 22.98 -19.28
CA ALA G 14 1.67 23.58 -19.03
C ALA G 14 0.58 22.53 -18.87
N HIS G 15 0.54 21.54 -19.77
CA HIS G 15 -0.46 20.48 -19.69
C HIS G 15 -0.31 19.67 -18.41
N LEU G 16 0.93 19.48 -17.98
CA LEU G 16 1.22 18.73 -16.77
C LEU G 16 0.71 19.54 -15.58
N ARG G 17 0.90 20.86 -15.63
CA ARG G 17 0.42 21.72 -14.54
C ARG G 17 -1.08 21.59 -14.38
N LEU G 18 -1.79 21.47 -15.51
CA LEU G 18 -3.25 21.32 -15.48
C LEU G 18 -3.68 19.99 -14.88
N SER G 19 -3.04 18.90 -15.30
CA SER G 19 -3.36 17.58 -14.77
C SER G 19 -3.13 17.60 -13.26
N LEU G 20 -2.04 18.23 -12.84
CA LEU G 20 -1.74 18.32 -11.43
C LEU G 20 -2.82 19.05 -10.65
N GLU G 21 -3.22 20.23 -11.15
CA GLU G 21 -4.24 21.01 -10.48
C GLU G 21 -5.56 20.24 -10.43
N LYS G 22 -5.87 19.50 -11.48
CA LYS G 22 -7.11 18.73 -11.48
C LYS G 22 -7.06 17.64 -10.42
N LEU G 23 -5.89 17.06 -10.20
CA LEU G 23 -5.78 16.01 -9.19
C LEU G 23 -5.89 16.63 -7.81
N LYS G 24 -5.31 17.81 -7.65
CA LYS G 24 -5.37 18.51 -6.37
C LYS G 24 -6.81 18.68 -5.92
N GLY G 25 -7.69 18.96 -6.88
CA GLY G 25 -9.09 19.15 -6.56
C GLY G 25 -9.85 17.91 -6.11
N LEU G 26 -9.40 16.74 -6.57
CA LEU G 26 -10.05 15.50 -6.20
C LEU G 26 -9.45 14.87 -4.96
N VAL G 27 -8.55 15.59 -4.30
CA VAL G 27 -7.91 15.08 -3.10
C VAL G 27 -8.43 15.77 -1.84
N PRO G 28 -9.25 15.04 -1.04
CA PRO G 28 -9.87 15.49 0.21
C PRO G 28 -8.84 15.85 1.27
N LEU G 29 -7.66 16.25 0.84
CA LEU G 29 -6.59 16.65 1.75
C LEU G 29 -6.05 17.97 1.19
N GLY G 30 -6.99 18.85 0.85
CA GLY G 30 -6.64 20.15 0.29
C GLY G 30 -7.29 20.36 -1.06
N PRO G 31 -8.59 20.06 -1.20
CA PRO G 31 -9.28 20.25 -2.49
C PRO G 31 -9.51 21.73 -2.83
N ASP G 32 -9.05 22.62 -1.96
CA ASP G 32 -9.18 24.06 -2.14
C ASP G 32 -7.90 24.78 -1.70
N SER G 33 -6.75 24.13 -1.89
CA SER G 33 -5.48 24.72 -1.49
C SER G 33 -4.47 24.85 -2.63
N SER G 34 -4.04 26.09 -2.88
CA SER G 34 -3.06 26.34 -3.93
C SER G 34 -1.71 26.49 -3.22
N ARG G 35 -1.65 25.96 -2.00
CA ARG G 35 -0.46 26.01 -1.17
C ARG G 35 0.30 24.68 -1.26
N HIS G 36 -0.43 23.58 -1.16
CA HIS G 36 0.18 22.25 -1.25
C HIS G 36 1.19 22.21 -2.39
N THR G 37 2.29 21.51 -2.17
CA THR G 37 3.35 21.40 -3.17
C THR G 37 3.09 20.22 -4.11
N THR G 38 3.95 20.07 -5.11
CA THR G 38 3.83 18.95 -6.03
C THR G 38 4.04 17.71 -5.17
N LEU G 39 5.07 17.74 -4.33
CA LEU G 39 5.38 16.59 -3.49
C LEU G 39 4.26 16.17 -2.54
N SER G 40 3.78 17.12 -1.72
CA SER G 40 2.72 16.79 -0.76
C SER G 40 1.51 16.19 -1.47
N LEU G 41 1.15 16.77 -2.61
CA LEU G 41 0.01 16.32 -3.42
C LEU G 41 0.21 14.91 -3.97
N LEU G 42 1.38 14.63 -4.54
CA LEU G 42 1.67 13.31 -5.07
C LEU G 42 1.48 12.29 -3.95
N THR G 43 1.97 12.63 -2.76
CA THR G 43 1.87 11.77 -1.58
C THR G 43 0.44 11.59 -1.09
N LYS G 44 -0.27 12.71 -0.92
CA LYS G 44 -1.65 12.65 -0.46
C LYS G 44 -2.48 11.80 -1.42
N ALA G 45 -2.28 12.03 -2.71
CA ALA G 45 -3.01 11.31 -3.75
C ALA G 45 -2.85 9.80 -3.57
N LYS G 46 -1.61 9.33 -3.38
CA LYS G 46 -1.39 7.91 -3.16
C LYS G 46 -2.21 7.43 -1.98
N LEU G 47 -1.98 8.02 -0.80
CA LEU G 47 -2.71 7.62 0.39
C LEU G 47 -4.23 7.73 0.25
N HIS G 48 -4.70 8.71 -0.52
CA HIS G 48 -6.14 8.84 -0.71
C HIS G 48 -6.66 7.64 -1.50
N ILE G 49 -5.92 7.23 -2.52
CA ILE G 49 -6.34 6.08 -3.30
C ILE G 49 -6.39 4.89 -2.34
N LYS G 50 -5.35 4.74 -1.51
CA LYS G 50 -5.32 3.62 -0.57
C LYS G 50 -6.53 3.63 0.36
N LYS G 51 -6.92 4.81 0.80
CA LYS G 51 -8.06 4.97 1.68
C LYS G 51 -9.36 4.57 0.97
N LEU G 52 -9.56 5.07 -0.24
CA LEU G 52 -10.75 4.75 -1.01
C LEU G 52 -10.87 3.23 -1.18
N GLU G 53 -9.79 2.59 -1.65
CA GLU G 53 -9.78 1.14 -1.84
C GLU G 53 -10.14 0.43 -0.54
N ASP G 54 -9.72 1.01 0.58
CA ASP G 54 -10.00 0.40 1.88
C ASP G 54 -11.49 0.47 2.22
N SER G 55 -12.12 1.61 1.92
CA SER G 55 -13.54 1.79 2.17
C SER G 55 -14.35 0.93 1.21
N ASP G 56 -13.78 0.65 0.04
CA ASP G 56 -14.47 -0.19 -0.93
C ASP G 56 -14.51 -1.65 -0.46
N ARG G 57 -13.40 -2.15 0.09
CA ARG G 57 -13.39 -3.54 0.59
C ARG G 57 -14.27 -3.65 1.83
N LYS G 58 -14.29 -2.57 2.60
CA LYS G 58 -15.12 -2.50 3.81
C LYS G 58 -16.60 -2.49 3.42
N ALA G 59 -16.94 -1.73 2.39
CA ALA G 59 -18.32 -1.65 1.94
C ALA G 59 -18.77 -3.01 1.42
N VAL G 60 -17.94 -3.65 0.59
CA VAL G 60 -18.26 -4.96 0.04
C VAL G 60 -18.50 -5.99 1.17
N HIS G 61 -17.73 -5.87 2.25
CA HIS G 61 -17.88 -6.77 3.38
C HIS G 61 -19.20 -6.45 4.09
N GLN G 62 -19.54 -5.16 4.10
CA GLN G 62 -20.78 -4.69 4.70
C GLN G 62 -21.98 -5.34 4.01
N ILE G 63 -22.02 -5.21 2.68
CA ILE G 63 -23.10 -5.79 1.89
C ILE G 63 -23.21 -7.28 2.16
N ASP G 64 -22.07 -7.97 2.18
CA ASP G 64 -22.05 -9.39 2.44
C ASP G 64 -22.79 -9.75 3.72
N GLN G 65 -22.45 -9.04 4.80
CA GLN G 65 -23.06 -9.30 6.10
C GLN G 65 -24.54 -9.00 6.18
N LEU G 66 -25.00 -8.03 5.40
CA LEU G 66 -26.41 -7.68 5.39
C LEU G 66 -27.19 -8.76 4.64
N GLN G 67 -26.57 -9.32 3.61
CA GLN G 67 -27.21 -10.39 2.84
C GLN G 67 -27.26 -11.65 3.71
N ARG G 68 -26.15 -11.95 4.36
CA ARG G 68 -26.06 -13.12 5.23
C ARG G 68 -27.11 -12.99 6.33
N GLU G 69 -27.47 -11.74 6.64
CA GLU G 69 -28.47 -11.44 7.66
C GLU G 69 -29.87 -11.53 7.07
N GLN G 70 -30.01 -11.09 5.83
CA GLN G 70 -31.31 -11.12 5.17
C GLN G 70 -31.74 -12.57 4.95
N ARG G 71 -30.79 -13.40 4.54
CA ARG G 71 -31.06 -14.82 4.32
C ARG G 71 -31.40 -15.49 5.64
N HIS G 72 -30.92 -14.89 6.73
CA HIS G 72 -31.17 -15.42 8.06
C HIS G 72 -32.61 -15.18 8.48
N LEU G 73 -33.01 -13.91 8.48
CA LEU G 73 -34.38 -13.53 8.85
C LEU G 73 -35.39 -14.35 8.06
N LYS G 74 -35.20 -14.42 6.75
CA LYS G 74 -36.10 -15.19 5.90
C LYS G 74 -36.16 -16.64 6.36
N ARG G 75 -35.00 -17.24 6.60
CA ARG G 75 -34.95 -18.63 7.06
C ARG G 75 -35.79 -18.75 8.33
N GLN G 76 -35.83 -17.67 9.10
CA GLN G 76 -36.59 -17.64 10.35
C GLN G 76 -38.08 -17.42 10.09
N LEU G 77 -38.41 -16.98 8.87
CA LEU G 77 -39.80 -16.73 8.50
C LEU G 77 -40.34 -17.82 7.58
N ALA H 3 27.62 23.79 -7.11
CA ALA H 3 26.81 24.48 -6.08
C ALA H 3 26.08 23.49 -5.21
N HIS H 4 25.87 23.87 -3.96
CA HIS H 4 25.15 23.04 -3.01
C HIS H 4 23.68 23.07 -3.44
N HIS H 5 23.23 24.23 -3.93
CA HIS H 5 21.86 24.39 -4.39
C HIS H 5 21.53 23.38 -5.47
N ASN H 6 22.48 23.18 -6.39
CA ASN H 6 22.34 22.23 -7.48
C ASN H 6 22.05 20.83 -6.92
N ALA H 7 22.88 20.40 -5.97
CA ALA H 7 22.74 19.10 -5.35
C ALA H 7 21.40 18.99 -4.62
N LEU H 8 21.04 20.02 -3.84
CA LEU H 8 19.76 20.00 -3.11
C LEU H 8 18.59 19.86 -4.09
N GLU H 9 18.54 20.71 -5.11
CA GLU H 9 17.46 20.66 -6.09
C GLU H 9 17.41 19.26 -6.72
N ARG H 10 18.57 18.64 -6.89
CA ARG H 10 18.63 17.30 -7.46
C ARG H 10 17.95 16.31 -6.53
N LYS H 11 18.22 16.40 -5.22
CA LYS H 11 17.59 15.49 -4.27
C LYS H 11 16.10 15.76 -4.25
N ARG H 12 15.71 17.02 -4.40
CA ARG H 12 14.30 17.39 -4.41
C ARG H 12 13.65 16.69 -5.61
N ARG H 13 14.30 16.72 -6.77
CA ARG H 13 13.74 16.05 -7.94
C ARG H 13 13.64 14.54 -7.72
N ASP H 14 14.67 13.94 -7.12
CA ASP H 14 14.65 12.49 -6.85
C ASP H 14 13.40 12.13 -6.04
N HIS H 15 13.11 12.90 -4.99
CA HIS H 15 11.93 12.65 -4.15
C HIS H 15 10.63 12.70 -4.95
N ILE H 16 10.54 13.69 -5.83
CA ILE H 16 9.34 13.84 -6.66
C ILE H 16 9.25 12.66 -7.63
N LYS H 17 10.40 12.26 -8.18
CA LYS H 17 10.44 11.12 -9.09
C LYS H 17 9.93 9.89 -8.31
N ASP H 18 10.42 9.73 -7.09
CA ASP H 18 10.04 8.61 -6.23
C ASP H 18 8.53 8.57 -6.00
N SER H 19 7.95 9.74 -5.75
CA SER H 19 6.52 9.84 -5.49
C SER H 19 5.70 9.50 -6.71
N PHE H 20 6.14 9.98 -7.88
CA PHE H 20 5.42 9.68 -9.10
C PHE H 20 5.30 8.17 -9.27
N HIS H 21 6.39 7.46 -8.97
CA HIS H 21 6.41 6.01 -9.10
C HIS H 21 5.55 5.29 -8.05
N SER H 22 5.49 5.86 -6.85
CA SER H 22 4.68 5.28 -5.80
C SER H 22 3.20 5.51 -6.12
N LEU H 23 2.93 6.57 -6.90
CA LEU H 23 1.55 6.87 -7.29
C LEU H 23 1.19 5.94 -8.45
N ARG H 24 2.11 5.78 -9.40
CA ARG H 24 1.88 4.92 -10.55
C ARG H 24 1.61 3.49 -10.08
N ASP H 25 2.39 3.01 -9.11
CA ASP H 25 2.22 1.66 -8.62
C ASP H 25 0.99 1.45 -7.77
N SER H 26 0.18 2.49 -7.58
CA SER H 26 -1.04 2.33 -6.78
C SER H 26 -2.28 2.38 -7.66
N VAL H 27 -2.07 2.64 -8.95
CA VAL H 27 -3.18 2.70 -9.88
C VAL H 27 -3.17 1.38 -10.67
N PRO H 28 -4.25 0.59 -10.54
CA PRO H 28 -4.33 -0.71 -11.23
C PRO H 28 -3.91 -0.66 -12.70
N SER H 29 -4.51 0.25 -13.45
CA SER H 29 -4.22 0.39 -14.88
C SER H 29 -2.80 0.84 -15.23
N LEU H 30 -2.00 1.19 -14.23
CA LEU H 30 -0.63 1.66 -14.48
C LEU H 30 0.47 0.79 -13.88
N GLN H 31 0.23 0.29 -12.67
CA GLN H 31 1.21 -0.53 -11.95
C GLN H 31 2.02 -1.46 -12.87
N GLY H 32 3.29 -1.65 -12.52
CA GLY H 32 4.16 -2.51 -13.29
C GLY H 32 4.77 -1.88 -14.52
N GLU H 33 3.94 -1.59 -15.52
CA GLU H 33 4.39 -0.99 -16.78
C GLU H 33 5.03 0.38 -16.60
N LYS H 34 5.39 1.00 -17.72
CA LYS H 34 5.99 2.33 -17.70
C LYS H 34 4.95 3.31 -18.26
N ALA H 35 4.78 4.42 -17.57
CA ALA H 35 3.82 5.44 -17.99
C ALA H 35 4.43 6.82 -17.75
N SER H 36 4.12 7.77 -18.63
CA SER H 36 4.65 9.12 -18.49
C SER H 36 4.04 9.80 -17.27
N ARG H 37 4.59 10.94 -16.88
CA ARG H 37 4.07 11.67 -15.72
C ARG H 37 2.64 12.09 -16.02
N ALA H 38 2.41 12.42 -17.28
CA ALA H 38 1.09 12.83 -17.75
C ALA H 38 0.10 11.68 -17.64
N GLN H 39 0.55 10.49 -17.98
CA GLN H 39 -0.30 9.30 -17.91
C GLN H 39 -0.64 8.96 -16.47
N ILE H 40 0.35 9.10 -15.60
CA ILE H 40 0.17 8.82 -14.18
C ILE H 40 -0.87 9.76 -13.56
N LEU H 41 -0.76 11.06 -13.85
CA LEU H 41 -1.70 12.03 -13.30
C LEU H 41 -3.12 11.83 -13.77
N ASP H 42 -3.29 11.67 -15.08
CA ASP H 42 -4.61 11.46 -15.68
C ASP H 42 -5.23 10.13 -15.26
N LYS H 43 -4.45 9.06 -15.22
CA LYS H 43 -4.98 7.76 -14.83
C LYS H 43 -5.28 7.68 -13.33
N ALA H 44 -4.50 8.39 -12.52
CA ALA H 44 -4.75 8.37 -11.08
C ALA H 44 -6.03 9.15 -10.83
N THR H 45 -6.26 10.17 -11.66
CA THR H 45 -7.45 10.98 -11.53
C THR H 45 -8.70 10.16 -11.88
N GLU H 46 -8.67 9.47 -13.02
CA GLU H 46 -9.82 8.67 -13.39
C GLU H 46 -10.03 7.48 -12.44
N TYR H 47 -8.95 6.97 -11.85
CA TYR H 47 -9.13 5.85 -10.93
C TYR H 47 -9.81 6.35 -9.66
N ILE H 48 -9.39 7.52 -9.16
CA ILE H 48 -9.99 8.08 -7.94
C ILE H 48 -11.46 8.32 -8.19
N GLN H 49 -11.79 8.85 -9.37
CA GLN H 49 -13.18 9.11 -9.71
C GLN H 49 -13.96 7.79 -9.82
N TYR H 50 -13.33 6.80 -10.46
CA TYR H 50 -13.96 5.49 -10.61
C TYR H 50 -14.26 4.88 -9.23
N MET H 51 -13.32 5.03 -8.31
CA MET H 51 -13.48 4.49 -6.96
C MET H 51 -14.55 5.23 -6.18
N ARG H 52 -14.69 6.52 -6.45
CA ARG H 52 -15.68 7.33 -5.76
C ARG H 52 -17.09 6.93 -6.20
N ARG H 53 -17.22 6.47 -7.43
CA ARG H 53 -18.52 6.04 -7.96
C ARG H 53 -18.80 4.59 -7.55
N LYS H 54 -17.75 3.80 -7.44
CA LYS H 54 -17.88 2.41 -7.04
C LYS H 54 -18.34 2.35 -5.58
N ASN H 55 -17.85 3.29 -4.78
CA ASN H 55 -18.23 3.36 -3.37
C ASN H 55 -19.64 3.93 -3.20
N HIS H 56 -19.99 4.89 -4.05
CA HIS H 56 -21.31 5.51 -4.00
C HIS H 56 -22.36 4.44 -4.31
N THR H 57 -22.06 3.62 -5.31
CA THR H 57 -22.96 2.55 -5.70
C THR H 57 -23.16 1.62 -4.50
N HIS H 58 -22.05 1.21 -3.90
CA HIS H 58 -22.09 0.32 -2.73
C HIS H 58 -22.90 0.93 -1.59
N GLN H 59 -22.77 2.24 -1.42
CA GLN H 59 -23.51 2.91 -0.36
C GLN H 59 -25.00 2.78 -0.63
N GLN H 60 -25.39 2.91 -1.89
CA GLN H 60 -26.79 2.79 -2.28
C GLN H 60 -27.25 1.35 -2.06
N ASP H 61 -26.32 0.42 -2.22
CA ASP H 61 -26.62 -1.00 -2.04
C ASP H 61 -26.81 -1.29 -0.55
N ILE H 62 -25.87 -0.77 0.25
CA ILE H 62 -25.91 -0.96 1.68
C ILE H 62 -27.23 -0.48 2.28
N ASP H 63 -27.58 0.79 2.02
CA ASP H 63 -28.82 1.35 2.54
C ASP H 63 -30.06 0.68 1.96
N ASP H 64 -29.92 0.08 0.78
CA ASP H 64 -31.04 -0.63 0.18
C ASP H 64 -31.25 -1.89 1.01
N LEU H 65 -30.16 -2.61 1.25
CA LEU H 65 -30.21 -3.84 2.03
C LEU H 65 -30.74 -3.63 3.43
N LYS H 66 -30.52 -2.45 4.00
CA LYS H 66 -31.01 -2.13 5.33
C LYS H 66 -32.53 -2.02 5.35
N ARG H 67 -33.09 -1.43 4.30
CA ARG H 67 -34.54 -1.29 4.22
C ARG H 67 -35.15 -2.69 4.18
N GLN H 68 -34.68 -3.51 3.25
CA GLN H 68 -35.15 -4.88 3.10
C GLN H 68 -35.11 -5.63 4.41
N ASN H 69 -34.04 -5.45 5.17
CA ASN H 69 -33.89 -6.12 6.46
C ASN H 69 -34.78 -5.49 7.54
N ALA H 70 -34.95 -4.17 7.47
CA ALA H 70 -35.77 -3.45 8.44
C ALA H 70 -37.22 -3.90 8.36
N LEU H 71 -37.67 -4.26 7.16
CA LEU H 71 -39.04 -4.71 6.97
C LEU H 71 -39.18 -6.15 7.46
N LEU H 72 -38.22 -7.00 7.11
CA LEU H 72 -38.26 -8.40 7.52
C LEU H 72 -38.33 -8.51 9.04
N GLU H 73 -37.70 -7.55 9.73
CA GLU H 73 -37.72 -7.55 11.18
C GLU H 73 -39.11 -7.12 11.63
N GLN H 74 -39.59 -6.01 11.07
CA GLN H 74 -40.90 -5.48 11.39
C GLN H 74 -41.96 -6.60 11.31
N GLN H 75 -41.75 -7.52 10.37
CA GLN H 75 -42.68 -8.63 10.20
C GLN H 75 -42.48 -9.64 11.33
N VAL H 76 -41.23 -10.05 11.54
CA VAL H 76 -40.91 -11.03 12.58
C VAL H 76 -41.46 -10.56 13.93
#